data_5DV9
#
_entry.id   5DV9
#
_cell.length_a   117.967
_cell.length_b   117.967
_cell.length_c   95.681
_cell.angle_alpha   90.00
_cell.angle_beta   90.00
_cell.angle_gamma   90.00
#
_symmetry.space_group_name_H-M   'P 41 21 2'
#
loop_
_entity.id
_entity.type
_entity.pdbx_description
1 polymer 'Luciferin 4-monooxygenase'
2 water water
#
_entity_poly.entity_id   1
_entity_poly.type   'polypeptide(L)'
_entity_poly.pdbx_seq_one_letter_code
;MGSSHHHHHHSQDLEVLFQGPGSMEDAKNIKKGPAPFYPLEDGTAGEQLHKAMKRYALVPGTIAFTDAHIEVNITYAEYF
EMSVRLAEAMKRYGLNTNHRIVVCSENSLQFFMPVLGALFIGVAVAPANDIYNERELLNSMNISQPTVVFVSKKGLQKIL
NVQKKLPIIQKIIIMDSKTDYQGFQSMYTFVTSHLPPGFNEYDFVPESFDRDKTIALIMNSSGSTGLPKGVALPHRTACV
RFSHARDPIFGNQIIPDTAILSVVPFHHGFGMFTTLGYLICGFRVVLMYRFEEELFLRSLQDYKIQSALLVPTLFSFFAK
STLIDKYDLSNLHEIASGGAPLSKEVGEAVAKRFHLPGIRQGYGLTETTSAILITPEGDDKPGAVGKVVPFFEAKVVDLD
TGKTLGVNQRGELCVRGPMIMSGYVNNPEATNALIDKDGWLHSGDIAYWDEDEHFFIVDRLKSLIKYKGYQVAPAELESI
LLQHPNIFDAGVAGLPDDDAGELPAAVVVLEHGKTMTEKEIVDYVASQVTTAKKLRGGVVFVDEVPKGLTGKLDARKIRE
ILIKAKKGGKSKL
;
_entity_poly.pdbx_strand_id   A
#
# COMPACT_ATOMS: atom_id res chain seq x y z
N ASP A 26 27.62 14.09 -13.01
CA ASP A 26 26.61 14.36 -14.02
C ASP A 26 26.04 13.07 -14.58
N ALA A 27 25.05 12.50 -13.90
CA ALA A 27 24.38 13.09 -12.74
C ALA A 27 23.52 14.28 -13.04
N LYS A 28 23.41 14.64 -14.29
CA LYS A 28 22.15 15.20 -14.75
C LYS A 28 21.23 14.06 -15.11
N ASN A 29 21.52 12.87 -14.57
CA ASN A 29 20.82 11.66 -14.90
C ASN A 29 20.14 11.13 -13.68
N ILE A 30 20.26 11.88 -12.60
CA ILE A 30 19.43 11.75 -11.44
C ILE A 30 18.20 12.61 -11.55
N LYS A 31 17.03 12.01 -11.40
CA LYS A 31 15.77 12.73 -11.53
C LYS A 31 15.33 13.15 -10.12
N LYS A 32 15.24 14.46 -9.90
CA LYS A 32 14.99 15.01 -8.57
C LYS A 32 13.61 15.65 -8.51
N GLY A 33 12.95 15.50 -7.37
CA GLY A 33 11.66 16.11 -7.19
C GLY A 33 11.78 17.60 -7.03
N PRO A 34 10.73 18.34 -7.41
CA PRO A 34 10.77 19.80 -7.26
C PRO A 34 10.71 20.20 -5.80
N ALA A 35 10.80 21.50 -5.54
CA ALA A 35 10.66 21.95 -4.17
C ALA A 35 9.23 21.78 -3.71
N PRO A 36 9.01 21.31 -2.49
CA PRO A 36 7.63 21.18 -2.00
C PRO A 36 6.98 22.54 -1.93
N PHE A 37 5.68 22.57 -2.21
CA PHE A 37 4.91 23.80 -2.01
C PHE A 37 4.92 24.18 -0.53
N TYR A 38 4.77 23.20 0.35
CA TYR A 38 4.67 23.40 1.78
C TYR A 38 5.92 22.81 2.44
N PRO A 39 6.78 23.61 3.05
CA PRO A 39 7.98 23.05 3.67
C PRO A 39 7.65 21.95 4.67
N LEU A 40 8.62 21.07 4.88
CA LEU A 40 8.53 20.08 5.92
C LEU A 40 8.44 20.78 7.26
N GLU A 41 7.39 20.49 8.01
CA GLU A 41 7.18 21.14 9.28
C GLU A 41 7.90 20.39 10.39
N ASP A 42 8.28 21.13 11.42
CA ASP A 42 8.87 20.55 12.61
C ASP A 42 7.83 19.77 13.39
N GLY A 43 8.30 18.77 14.14
CA GLY A 43 7.44 18.03 15.02
C GLY A 43 7.39 16.56 14.67
N THR A 44 6.92 15.74 15.59
CA THR A 44 6.60 14.37 15.25
C THR A 44 5.34 14.34 14.40
N ALA A 45 5.07 13.16 13.83
CA ALA A 45 3.80 12.99 13.13
C ALA A 45 2.62 13.19 14.08
N GLY A 46 2.73 12.63 15.29
CA GLY A 46 1.69 12.84 16.29
C GLY A 46 1.47 14.31 16.61
N GLU A 47 2.54 15.10 16.61
CA GLU A 47 2.39 16.51 16.96
C GLU A 47 1.71 17.27 15.83
N GLN A 48 2.09 17.01 14.59
CA GLN A 48 1.46 17.72 13.48
C GLN A 48 0.00 17.31 13.31
N LEU A 49 -0.32 16.05 13.59
CA LEU A 49 -1.72 15.60 13.54
C LEU A 49 -2.52 16.23 14.67
N HIS A 50 -1.96 16.23 15.89
CA HIS A 50 -2.62 16.84 17.03
C HIS A 50 -2.90 18.31 16.77
N LYS A 51 -1.94 19.01 16.18
CA LYS A 51 -2.09 20.45 16.00
C LYS A 51 -3.16 20.76 14.97
N ALA A 52 -3.16 20.04 13.85
CA ALA A 52 -4.15 20.30 12.81
C ALA A 52 -5.55 19.95 13.29
N MET A 53 -5.71 18.73 13.83
CA MET A 53 -7.02 18.26 14.21
C MET A 53 -7.62 19.07 15.36
N LYS A 54 -6.78 19.61 16.25
CA LYS A 54 -7.28 20.47 17.31
C LYS A 54 -7.95 21.72 16.74
N ARG A 55 -7.33 22.32 15.73
CA ARG A 55 -7.94 23.47 15.07
C ARG A 55 -9.28 23.10 14.40
N TYR A 56 -9.37 21.89 13.82
CA TYR A 56 -10.63 21.51 13.19
C TYR A 56 -11.66 21.10 14.22
N ALA A 57 -11.21 20.52 15.33
CA ALA A 57 -12.08 20.19 16.44
C ALA A 57 -12.83 21.41 16.95
N LEU A 58 -12.24 22.60 16.83
CA LEU A 58 -12.84 23.80 17.40
C LEU A 58 -13.90 24.41 16.52
N VAL A 59 -14.12 23.86 15.32
CA VAL A 59 -15.18 24.34 14.42
C VAL A 59 -16.28 23.30 14.40
N PRO A 60 -17.35 23.48 15.18
CA PRO A 60 -18.37 22.43 15.28
C PRO A 60 -18.91 22.00 13.93
N GLY A 61 -19.10 20.69 13.78
CA GLY A 61 -19.72 20.15 12.57
C GLY A 61 -18.75 19.79 11.47
N THR A 62 -17.45 20.03 11.64
CA THR A 62 -16.48 19.64 10.64
C THR A 62 -16.34 18.12 10.65
N ILE A 63 -16.65 17.49 9.50
CA ILE A 63 -16.74 16.04 9.40
C ILE A 63 -15.38 15.46 9.05
N ALA A 64 -14.89 14.53 9.89
CA ALA A 64 -13.65 13.81 9.64
C ALA A 64 -13.85 12.52 8.85
N PHE A 65 -14.73 11.64 9.33
CA PHE A 65 -15.01 10.37 8.70
C PHE A 65 -16.51 10.21 8.57
N THR A 66 -16.92 9.59 7.46
CA THR A 66 -18.30 9.24 7.18
C THR A 66 -18.32 7.78 6.77
N ASP A 67 -19.19 6.99 7.38
CA ASP A 67 -19.34 5.59 7.02
C ASP A 67 -20.48 5.46 6.01
N ALA A 68 -20.14 5.11 4.76
CA ALA A 68 -21.14 5.08 3.68
C ALA A 68 -22.20 4.02 3.90
N HIS A 69 -21.86 2.93 4.60
CA HIS A 69 -22.83 1.86 4.84
C HIS A 69 -23.85 2.22 5.91
N ILE A 70 -23.41 2.74 7.05
CA ILE A 70 -24.37 3.07 8.10
C ILE A 70 -24.73 4.55 8.12
N GLU A 71 -24.09 5.37 7.29
CA GLU A 71 -24.39 6.78 7.08
C GLU A 71 -24.04 7.69 8.26
N VAL A 72 -23.39 7.17 9.29
CA VAL A 72 -23.01 8.00 10.43
C VAL A 72 -21.78 8.84 10.10
N ASN A 73 -21.85 10.12 10.44
CA ASN A 73 -20.71 11.03 10.44
C ASN A 73 -20.09 11.14 11.83
N ILE A 74 -18.78 11.36 11.86
CA ILE A 74 -18.09 11.66 13.10
C ILE A 74 -17.21 12.87 12.87
N THR A 75 -17.26 13.82 13.80
CA THR A 75 -16.62 15.11 13.56
C THR A 75 -15.20 15.11 14.08
N TYR A 76 -14.44 16.11 13.62
CA TYR A 76 -13.08 16.31 14.14
C TYR A 76 -13.09 16.51 15.67
N ALA A 77 -14.09 17.21 16.22
CA ALA A 77 -14.16 17.39 17.67
C ALA A 77 -14.29 16.04 18.37
N GLU A 78 -15.23 15.19 17.93
CA GLU A 78 -15.31 13.85 18.47
C GLU A 78 -14.01 13.10 18.27
N TYR A 79 -13.44 13.19 17.07
CA TYR A 79 -12.28 12.38 16.73
C TYR A 79 -11.04 12.81 17.53
N PHE A 80 -10.85 14.11 17.67
CA PHE A 80 -9.71 14.62 18.42
C PHE A 80 -9.83 14.27 19.90
N GLU A 81 -11.03 14.42 20.46
CA GLU A 81 -11.19 14.22 21.88
C GLU A 81 -10.96 12.76 22.27
N MET A 82 -11.44 11.82 21.45
CA MET A 82 -11.26 10.41 21.77
C MET A 82 -9.81 9.99 21.57
N SER A 83 -9.18 10.47 20.50
CA SER A 83 -7.79 10.10 20.24
C SER A 83 -6.88 10.63 21.35
N VAL A 84 -7.06 11.90 21.72
CA VAL A 84 -6.36 12.48 22.87
C VAL A 84 -6.59 11.65 24.12
N ARG A 85 -7.82 11.23 24.37
CA ARG A 85 -8.08 10.46 25.57
C ARG A 85 -7.41 9.09 25.51
N LEU A 86 -7.38 8.46 24.32
CA LEU A 86 -6.73 7.16 24.19
C LEU A 86 -5.23 7.27 24.39
N ALA A 87 -4.64 8.37 23.93
CA ALA A 87 -3.22 8.62 24.15
C ALA A 87 -2.90 8.67 25.63
N GLU A 88 -3.57 9.56 26.37
CA GLU A 88 -3.31 9.66 27.80
C GLU A 88 -3.62 8.35 28.52
N ALA A 89 -4.73 7.69 28.14
CA ALA A 89 -5.05 6.42 28.79
C ALA A 89 -3.96 5.38 28.55
N MET A 90 -3.36 5.37 27.37
CA MET A 90 -2.29 4.41 27.10
C MET A 90 -1.02 4.80 27.86
N LYS A 91 -0.67 6.09 27.82
CA LYS A 91 0.45 6.60 28.60
C LYS A 91 0.36 6.18 30.06
N ARG A 92 -0.81 6.39 30.68
CA ARG A 92 -0.96 6.06 32.08
C ARG A 92 -0.98 4.56 32.30
N TYR A 93 -1.45 3.80 31.33
CA TYR A 93 -1.40 2.34 31.40
C TYR A 93 0.04 1.85 31.41
N GLY A 94 0.96 2.60 30.81
CA GLY A 94 2.36 2.23 30.82
C GLY A 94 3.08 2.21 29.48
N LEU A 95 2.39 2.50 28.38
CA LEU A 95 3.01 2.38 27.06
C LEU A 95 3.80 3.63 26.70
N ASN A 96 4.95 3.43 26.06
CA ASN A 96 5.82 4.51 25.60
C ASN A 96 6.53 4.03 24.34
N THR A 97 7.56 4.77 23.90
CA THR A 97 8.20 4.48 22.62
C THR A 97 8.80 3.09 22.55
N ASN A 98 8.83 2.36 23.66
CA ASN A 98 9.34 1.00 23.68
C ASN A 98 8.26 -0.05 23.45
N HIS A 99 7.03 0.38 23.21
CA HIS A 99 5.94 -0.56 23.01
C HIS A 99 5.32 -0.41 21.64
N ARG A 100 4.62 -1.44 21.23
CA ARG A 100 3.88 -1.43 19.98
C ARG A 100 2.47 -1.92 20.27
N ILE A 101 1.52 -1.36 19.51
CA ILE A 101 0.15 -1.85 19.53
C ILE A 101 -0.20 -2.40 18.15
N VAL A 102 -1.14 -3.32 18.11
CA VAL A 102 -1.80 -3.71 16.87
C VAL A 102 -3.20 -3.13 16.87
N VAL A 103 -3.61 -2.59 15.71
CA VAL A 103 -5.00 -2.25 15.42
C VAL A 103 -5.49 -3.23 14.37
N CYS A 104 -6.45 -4.07 14.74
CA CYS A 104 -6.88 -5.17 13.89
C CYS A 104 -8.35 -4.97 13.61
N SER A 105 -8.65 -4.47 12.42
CA SER A 105 -10.02 -4.05 12.11
C SER A 105 -10.12 -3.75 10.63
N GLU A 106 -11.27 -4.04 10.06
CA GLU A 106 -11.62 -3.50 8.76
C GLU A 106 -11.79 -1.99 8.88
N ASN A 107 -11.67 -1.29 7.75
CA ASN A 107 -11.91 0.15 7.73
C ASN A 107 -13.21 0.44 8.49
N SER A 108 -13.19 1.50 9.30
CA SER A 108 -14.32 1.80 10.16
C SER A 108 -14.17 3.22 10.71
N LEU A 109 -15.27 3.73 11.28
CA LEU A 109 -15.19 5.03 11.94
C LEU A 109 -14.17 5.00 13.08
N GLN A 110 -13.93 3.83 13.68
CA GLN A 110 -13.05 3.76 14.86
C GLN A 110 -11.58 3.53 14.52
N PHE A 111 -11.27 3.03 13.31
CA PHE A 111 -9.92 2.54 13.01
C PHE A 111 -8.83 3.51 13.45
N PHE A 112 -8.99 4.78 13.13
CA PHE A 112 -7.90 5.70 13.38
C PHE A 112 -7.86 6.27 14.80
N MET A 113 -8.78 5.90 15.68
CA MET A 113 -8.71 6.42 17.06
C MET A 113 -7.51 5.87 17.79
N PRO A 114 -7.29 4.55 17.90
CA PRO A 114 -6.07 4.08 18.56
C PRO A 114 -4.82 4.44 17.81
N VAL A 115 -4.91 4.53 16.47
CA VAL A 115 -3.76 4.91 15.65
C VAL A 115 -3.28 6.30 16.01
N LEU A 116 -4.19 7.26 15.99
CA LEU A 116 -3.84 8.63 16.37
C LEU A 116 -3.41 8.70 17.83
N GLY A 117 -4.05 7.92 18.71
CA GLY A 117 -3.68 7.95 20.12
C GLY A 117 -2.25 7.49 20.32
N ALA A 118 -1.86 6.38 19.68
CA ALA A 118 -0.49 5.89 19.77
C ALA A 118 0.51 6.91 19.22
N LEU A 119 0.20 7.54 18.09
CA LEU A 119 1.17 8.47 17.51
C LEU A 119 1.41 9.67 18.42
N PHE A 120 0.36 10.13 19.08
CA PHE A 120 0.49 11.23 20.01
C PHE A 120 1.53 10.95 21.10
N ILE A 121 1.71 9.69 21.50
CA ILE A 121 2.62 9.33 22.57
C ILE A 121 3.78 8.45 22.07
N GLY A 122 3.99 8.37 20.76
CA GLY A 122 5.13 7.65 20.24
C GLY A 122 5.09 6.14 20.35
N VAL A 123 3.92 5.55 20.57
CA VAL A 123 3.80 4.09 20.50
C VAL A 123 3.62 3.68 19.06
N ALA A 124 4.35 2.65 18.64
CA ALA A 124 4.35 2.22 17.25
C ALA A 124 3.09 1.43 16.96
N VAL A 125 2.53 1.64 15.76
CA VAL A 125 1.26 1.03 15.35
C VAL A 125 1.53 0.04 14.24
N ALA A 126 0.99 -1.17 14.39
CA ALA A 126 1.04 -2.22 13.36
C ALA A 126 -0.39 -2.55 12.95
N PRO A 127 -0.83 -2.11 11.77
CA PRO A 127 -2.20 -2.41 11.34
C PRO A 127 -2.36 -3.83 10.84
N ALA A 128 -3.55 -4.38 11.10
CA ALA A 128 -3.96 -5.68 10.57
C ALA A 128 -5.47 -5.62 10.29
N ASN A 129 -5.97 -6.52 9.44
CA ASN A 129 -7.39 -6.53 9.05
C ASN A 129 -8.18 -7.62 9.79
N ASP A 130 -9.43 -7.27 10.16
CA ASP A 130 -10.51 -8.11 10.66
C ASP A 130 -10.60 -9.53 10.10
N ILE A 131 -10.22 -9.68 8.83
CA ILE A 131 -10.57 -10.86 8.05
C ILE A 131 -9.33 -11.63 7.61
N TYR A 132 -8.14 -11.15 7.94
CA TYR A 132 -6.92 -11.96 7.81
C TYR A 132 -7.06 -13.25 8.62
N ASN A 133 -6.59 -14.37 8.07
CA ASN A 133 -6.69 -15.64 8.79
C ASN A 133 -5.77 -15.65 10.02
N GLU A 134 -5.97 -16.63 10.91
CA GLU A 134 -5.17 -16.71 12.12
C GLU A 134 -3.69 -16.87 11.80
N ARG A 135 -3.37 -17.66 10.78
CA ARG A 135 -1.97 -17.82 10.35
C ARG A 135 -1.37 -16.48 9.95
N GLU A 136 -2.10 -15.66 9.19
CA GLU A 136 -1.56 -14.37 8.77
C GLU A 136 -1.40 -13.43 9.96
N LEU A 137 -2.34 -13.43 10.89
CA LEU A 137 -2.23 -12.57 12.05
C LEU A 137 -1.04 -12.97 12.91
N LEU A 138 -0.83 -14.27 13.11
CA LEU A 138 0.24 -14.74 13.99
C LEU A 138 1.59 -14.22 13.50
N ASN A 139 1.92 -14.46 12.23
CA ASN A 139 3.20 -14.04 11.69
C ASN A 139 3.35 -12.53 11.69
N SER A 140 2.27 -11.80 11.37
CA SER A 140 2.34 -10.34 11.40
C SER A 140 2.63 -9.84 12.82
N MET A 141 1.94 -10.39 13.81
CA MET A 141 2.06 -9.95 15.19
C MET A 141 3.22 -10.61 15.92
N ASN A 142 3.73 -11.71 15.40
CA ASN A 142 5.01 -12.23 15.86
C ASN A 142 6.13 -11.24 15.55
N ILE A 143 6.02 -10.52 14.43
CA ILE A 143 7.03 -9.53 14.06
C ILE A 143 6.90 -8.29 14.90
N SER A 144 5.67 -7.79 15.06
CA SER A 144 5.44 -6.52 15.73
C SER A 144 5.38 -6.66 17.25
N GLN A 145 5.15 -7.85 17.79
CA GLN A 145 5.22 -8.11 19.23
C GLN A 145 4.51 -7.02 20.04
N PRO A 146 3.18 -6.95 19.98
CA PRO A 146 2.46 -5.86 20.64
C PRO A 146 2.06 -6.15 22.08
N THR A 147 2.18 -5.11 22.90
CA THR A 147 1.68 -5.19 24.27
C THR A 147 0.17 -5.14 24.28
N VAL A 148 -0.43 -4.23 23.50
CA VAL A 148 -1.87 -4.01 23.51
C VAL A 148 -2.43 -4.20 22.10
N VAL A 149 -3.56 -4.89 22.00
CA VAL A 149 -4.24 -5.07 20.74
C VAL A 149 -5.61 -4.40 20.82
N PHE A 150 -5.90 -3.54 19.84
CA PHE A 150 -7.25 -3.06 19.55
C PHE A 150 -7.83 -3.91 18.43
N VAL A 151 -9.01 -4.47 18.67
CA VAL A 151 -9.64 -5.35 17.69
C VAL A 151 -11.13 -5.00 17.62
N SER A 152 -11.73 -5.22 16.45
CA SER A 152 -13.17 -5.14 16.37
C SER A 152 -13.80 -6.43 16.87
N LYS A 153 -15.10 -6.37 17.19
CA LYS A 153 -15.79 -7.57 17.67
C LYS A 153 -15.54 -8.78 16.77
N LYS A 154 -15.54 -8.57 15.44
CA LYS A 154 -15.46 -9.73 14.56
C LYS A 154 -14.05 -10.28 14.43
N GLY A 155 -13.05 -9.60 14.99
CA GLY A 155 -11.71 -10.12 15.06
C GLY A 155 -11.32 -10.68 16.40
N LEU A 156 -12.20 -10.64 17.41
CA LEU A 156 -11.80 -10.95 18.77
C LEU A 156 -11.30 -12.38 18.90
N GLN A 157 -12.04 -13.36 18.38
CA GLN A 157 -11.68 -14.75 18.59
C GLN A 157 -10.30 -15.04 18.03
N LYS A 158 -10.00 -14.50 16.86
CA LYS A 158 -8.70 -14.74 16.25
C LYS A 158 -7.59 -14.10 17.07
N ILE A 159 -7.82 -12.90 17.60
CA ILE A 159 -6.82 -12.27 18.46
C ILE A 159 -6.64 -13.06 19.74
N LEU A 160 -7.75 -13.55 20.32
CA LEU A 160 -7.67 -14.43 21.48
C LEU A 160 -6.82 -15.66 21.20
N ASN A 161 -7.06 -16.31 20.07
CA ASN A 161 -6.33 -17.53 19.76
C ASN A 161 -4.85 -17.24 19.53
N VAL A 162 -4.54 -16.11 18.90
CA VAL A 162 -3.15 -15.68 18.74
C VAL A 162 -2.51 -15.31 20.09
N GLN A 163 -3.31 -14.82 21.04
CA GLN A 163 -2.76 -14.39 22.33
C GLN A 163 -2.14 -15.56 23.09
N LYS A 164 -2.85 -16.70 23.15
CA LYS A 164 -2.29 -17.89 23.77
C LYS A 164 -1.02 -18.39 23.11
N LYS A 165 -0.66 -17.87 21.93
CA LYS A 165 0.58 -18.21 21.26
C LYS A 165 1.59 -17.07 21.30
N LEU A 166 1.21 -15.92 21.85
CA LEU A 166 2.08 -14.76 21.93
C LEU A 166 1.76 -14.03 23.23
N PRO A 167 2.41 -14.42 24.33
CA PRO A 167 2.00 -13.92 25.65
C PRO A 167 2.49 -12.51 25.97
N ILE A 168 3.24 -11.87 25.07
CA ILE A 168 3.47 -10.43 25.21
C ILE A 168 2.19 -9.61 25.06
N ILE A 169 1.11 -10.21 24.54
CA ILE A 169 -0.19 -9.57 24.43
C ILE A 169 -0.89 -9.57 25.78
N GLN A 170 -0.80 -8.46 26.51
CA GLN A 170 -1.37 -8.34 27.84
C GLN A 170 -2.85 -7.95 27.84
N LYS A 171 -3.27 -7.15 26.87
CA LYS A 171 -4.56 -6.46 26.96
C LYS A 171 -5.20 -6.38 25.59
N ILE A 172 -6.48 -6.75 25.52
CA ILE A 172 -7.26 -6.67 24.29
C ILE A 172 -8.38 -5.67 24.53
N ILE A 173 -8.57 -4.74 23.58
CA ILE A 173 -9.54 -3.65 23.69
C ILE A 173 -10.43 -3.63 22.45
N ILE A 174 -11.75 -3.58 22.67
CA ILE A 174 -12.72 -3.70 21.59
C ILE A 174 -13.01 -2.32 21.00
N MET A 175 -12.82 -2.18 19.70
CA MET A 175 -12.93 -0.89 19.03
C MET A 175 -14.38 -0.47 18.78
N ASP A 176 -15.24 -1.40 18.36
CA ASP A 176 -16.56 -0.96 17.91
C ASP A 176 -17.64 -1.26 18.93
N SER A 177 -17.41 -0.84 20.18
CA SER A 177 -18.36 -1.00 21.26
C SER A 177 -18.28 0.20 22.18
N LYS A 178 -19.38 0.45 22.89
CA LYS A 178 -19.37 1.44 23.96
C LYS A 178 -19.21 0.79 25.32
N THR A 179 -20.05 -0.19 25.63
CA THR A 179 -19.87 -0.99 26.83
C THR A 179 -18.75 -1.99 26.62
N ASP A 180 -18.33 -2.61 27.72
CA ASP A 180 -17.47 -3.79 27.65
C ASP A 180 -18.13 -4.82 26.74
N TYR A 181 -17.34 -5.74 26.19
CA TYR A 181 -17.84 -6.72 25.23
C TYR A 181 -17.20 -8.08 25.54
N GLN A 182 -18.01 -9.02 26.01
CA GLN A 182 -17.52 -10.35 26.36
C GLN A 182 -16.34 -10.26 27.32
N GLY A 183 -16.52 -9.46 28.37
CA GLY A 183 -15.53 -9.32 29.41
C GLY A 183 -14.41 -8.36 29.10
N PHE A 184 -14.23 -8.00 27.84
CA PHE A 184 -13.15 -7.11 27.46
C PHE A 184 -13.62 -5.68 27.49
N GLN A 185 -12.68 -4.77 27.74
CA GLN A 185 -12.99 -3.35 27.76
C GLN A 185 -13.14 -2.81 26.33
N SER A 186 -14.04 -1.82 26.19
CA SER A 186 -14.06 -1.00 24.99
C SER A 186 -13.03 0.11 25.11
N MET A 187 -12.79 0.81 24.00
CA MET A 187 -11.93 1.98 24.07
C MET A 187 -12.49 3.00 25.04
N TYR A 188 -13.82 3.01 25.20
CA TYR A 188 -14.45 4.03 26.03
C TYR A 188 -14.33 3.70 27.52
N THR A 189 -14.53 2.44 27.89
CA THR A 189 -14.32 2.06 29.28
C THR A 189 -12.83 2.00 29.62
N PHE A 190 -11.99 1.60 28.65
CA PHE A 190 -10.55 1.59 28.87
C PHE A 190 -10.03 2.98 29.18
N VAL A 191 -10.42 3.96 28.37
CA VAL A 191 -10.07 5.36 28.63
C VAL A 191 -10.51 5.76 30.05
N THR A 192 -11.70 5.34 30.44
CA THR A 192 -12.23 5.74 31.74
C THR A 192 -11.48 5.10 32.90
N SER A 193 -10.97 3.86 32.72
CA SER A 193 -10.20 3.23 33.78
C SER A 193 -8.91 3.97 34.09
N HIS A 194 -8.32 4.66 33.10
CA HIS A 194 -6.95 5.14 33.24
C HIS A 194 -6.77 6.64 33.13
N LEU A 195 -7.79 7.40 32.81
CA LEU A 195 -7.51 8.82 32.68
C LEU A 195 -7.41 9.45 34.07
N PRO A 196 -6.54 10.46 34.25
CA PRO A 196 -6.47 11.15 35.55
C PRO A 196 -7.76 11.92 35.83
N PRO A 197 -8.11 12.08 37.11
CA PRO A 197 -9.41 12.69 37.50
C PRO A 197 -9.88 13.88 36.68
N GLY A 198 -9.08 14.92 36.53
CA GLY A 198 -9.61 16.08 35.83
C GLY A 198 -9.14 16.28 34.40
N PHE A 199 -8.89 15.18 33.67
CA PHE A 199 -8.27 15.26 32.35
C PHE A 199 -8.99 16.27 31.46
N ASN A 200 -8.20 17.05 30.72
CA ASN A 200 -8.71 18.06 29.79
C ASN A 200 -8.15 17.75 28.41
N GLU A 201 -9.03 17.36 27.48
CA GLU A 201 -8.61 17.01 26.11
C GLU A 201 -7.92 18.17 25.41
N TYR A 202 -8.29 19.40 25.76
CA TYR A 202 -7.72 20.54 25.09
C TYR A 202 -6.49 21.11 25.80
N ASP A 203 -6.07 20.53 26.94
CA ASP A 203 -4.79 20.84 27.57
C ASP A 203 -3.73 19.77 27.33
N PHE A 204 -4.15 18.57 26.92
CA PHE A 204 -3.20 17.52 26.59
C PHE A 204 -2.15 18.01 25.61
N VAL A 205 -0.92 17.53 25.77
CA VAL A 205 0.17 17.88 24.87
C VAL A 205 0.80 16.56 24.46
N PRO A 206 1.07 16.33 23.16
CA PRO A 206 1.63 15.05 22.75
C PRO A 206 3.11 14.94 23.08
N GLU A 207 3.57 13.70 23.22
CA GLU A 207 4.97 13.47 23.46
C GLU A 207 5.80 14.04 22.34
N SER A 208 6.85 14.78 22.70
CA SER A 208 7.91 15.15 21.80
C SER A 208 8.99 14.08 21.89
N PHE A 209 9.56 13.74 20.74
CA PHE A 209 10.56 12.68 20.67
C PHE A 209 11.19 12.75 19.28
N ASP A 210 12.17 11.87 19.04
CA ASP A 210 12.96 11.98 17.84
C ASP A 210 12.21 11.32 16.68
N ARG A 211 11.81 12.13 15.70
CA ARG A 211 11.01 11.62 14.60
C ARG A 211 11.79 10.63 13.74
N ASP A 212 13.11 10.77 13.66
CA ASP A 212 13.88 9.92 12.77
C ASP A 212 14.02 8.50 13.28
N LYS A 213 14.03 8.28 14.59
CA LYS A 213 14.20 6.93 15.11
C LYS A 213 12.97 6.36 15.80
N THR A 214 12.04 7.19 16.26
CA THR A 214 10.82 6.65 16.83
C THR A 214 9.93 6.11 15.70
N ILE A 215 9.51 4.86 15.83
CA ILE A 215 8.75 4.20 14.77
C ILE A 215 7.27 4.59 14.87
N ALA A 216 6.73 5.14 13.78
CA ALA A 216 5.30 5.46 13.70
C ALA A 216 4.46 4.23 13.31
N LEU A 217 4.77 3.60 12.17
CA LEU A 217 4.03 2.46 11.67
C LEU A 217 4.94 1.26 11.44
N ILE A 218 4.43 0.08 11.71
CA ILE A 218 5.01 -1.17 11.24
C ILE A 218 4.00 -1.75 10.26
N MET A 219 4.31 -1.63 8.96
CA MET A 219 3.44 -2.11 7.88
C MET A 219 3.89 -3.50 7.39
N ASN A 220 2.94 -4.34 7.04
CA ASN A 220 3.25 -5.68 6.55
C ASN A 220 3.57 -5.69 5.06
N SER A 221 4.35 -6.67 4.64
CA SER A 221 5.03 -6.60 3.36
C SER A 221 4.37 -7.32 2.21
N SER A 222 3.80 -8.50 2.47
CA SER A 222 3.20 -9.33 1.44
C SER A 222 4.28 -10.13 0.75
N GLY A 223 5.41 -9.49 0.54
CA GLY A 223 5.60 -8.65 -0.64
C GLY A 223 6.27 -9.46 -1.72
N SER A 224 7.59 -9.49 -1.69
CA SER A 224 8.33 -10.43 -2.50
C SER A 224 8.00 -11.83 -2.08
N THR A 225 8.96 -12.75 -2.20
CA THR A 225 8.73 -14.15 -1.88
C THR A 225 8.98 -14.48 -0.43
N GLY A 226 8.25 -15.44 0.07
CA GLY A 226 8.39 -15.81 1.46
C GLY A 226 7.41 -15.12 2.39
N LEU A 227 7.76 -15.03 3.66
CA LEU A 227 6.84 -14.49 4.64
C LEU A 227 6.77 -12.97 4.52
N PRO A 228 5.62 -12.37 4.79
CA PRO A 228 5.55 -10.90 4.91
C PRO A 228 6.49 -10.41 6.00
N LYS A 229 7.26 -9.37 5.69
CA LYS A 229 8.16 -8.76 6.64
C LYS A 229 7.49 -7.55 7.27
N GLY A 230 8.08 -7.07 8.35
CA GLY A 230 7.61 -5.86 9.00
C GLY A 230 8.40 -4.67 8.54
N VAL A 231 7.74 -3.76 7.83
CA VAL A 231 8.38 -2.53 7.36
C VAL A 231 8.20 -1.48 8.45
N ALA A 232 9.31 -1.07 9.07
CA ALA A 232 9.27 -0.06 10.12
C ALA A 232 9.43 1.31 9.51
N LEU A 233 8.48 2.19 9.79
CA LEU A 233 8.44 3.53 9.23
C LEU A 233 8.52 4.56 10.35
N PRO A 234 9.56 5.39 10.39
CA PRO A 234 9.66 6.41 11.43
C PRO A 234 8.76 7.60 11.14
N HIS A 235 8.43 8.33 12.22
CA HIS A 235 7.54 9.48 12.13
C HIS A 235 7.91 10.44 11.00
N ARG A 236 9.20 10.56 10.67
CA ARG A 236 9.65 11.44 9.59
C ARG A 236 8.91 11.16 8.29
N THR A 237 8.82 9.89 7.89
CA THR A 237 8.15 9.53 6.65
C THR A 237 6.73 10.10 6.61
N ALA A 238 5.98 9.99 7.72
CA ALA A 238 4.64 10.56 7.78
C ALA A 238 4.70 12.08 7.62
N CYS A 239 5.63 12.73 8.34
CA CYS A 239 5.73 14.18 8.25
C CYS A 239 6.05 14.63 6.83
N VAL A 240 6.93 13.90 6.11
CA VAL A 240 7.18 14.21 4.70
C VAL A 240 5.91 14.01 3.88
N ARG A 241 5.18 12.93 4.18
CA ARG A 241 3.96 12.67 3.46
C ARG A 241 2.91 13.77 3.69
N PHE A 242 2.92 14.39 4.88
CA PHE A 242 2.03 15.53 5.12
C PHE A 242 2.39 16.74 4.26
N SER A 243 3.64 16.87 3.84
CA SER A 243 3.90 17.91 2.85
C SER A 243 3.28 17.53 1.52
N HIS A 244 3.45 16.27 1.09
CA HIS A 244 2.86 15.84 -0.18
C HIS A 244 1.35 16.04 -0.20
N ALA A 245 0.67 15.72 0.92
CA ALA A 245 -0.79 15.73 0.93
C ALA A 245 -1.35 17.11 0.59
N ARG A 246 -0.65 18.17 0.99
CA ARG A 246 -1.08 19.54 0.76
C ARG A 246 -0.67 20.10 -0.58
N ASP A 247 0.22 19.42 -1.28
CA ASP A 247 0.85 20.01 -2.46
C ASP A 247 -0.17 20.17 -3.57
N PRO A 248 -0.27 21.34 -4.20
CA PRO A 248 -1.15 21.46 -5.36
C PRO A 248 -0.72 20.62 -6.55
N ILE A 249 0.56 20.25 -6.65
CA ILE A 249 0.98 19.43 -7.79
C ILE A 249 0.93 17.94 -7.47
N PHE A 250 1.44 17.53 -6.31
CA PHE A 250 1.59 16.12 -6.01
C PHE A 250 0.58 15.60 -4.99
N GLY A 251 -0.30 16.46 -4.49
CA GLY A 251 -1.31 16.01 -3.54
C GLY A 251 -2.65 16.66 -3.78
N ASN A 252 -3.30 17.11 -2.70
CA ASN A 252 -4.62 17.70 -2.82
C ASN A 252 -4.56 19.14 -2.33
N GLN A 253 -5.08 20.04 -3.17
CA GLN A 253 -5.28 21.43 -2.80
C GLN A 253 -6.32 21.56 -1.68
N ILE A 254 -5.95 22.24 -0.59
CA ILE A 254 -6.86 22.42 0.55
C ILE A 254 -7.94 23.45 0.25
N ILE A 255 -9.05 23.00 -0.31
CA ILE A 255 -10.27 23.79 -0.46
C ILE A 255 -11.22 23.32 0.64
N PRO A 256 -12.06 24.20 1.19
CA PRO A 256 -13.08 23.75 2.15
C PRO A 256 -14.10 22.81 1.50
N ASP A 257 -14.64 21.94 2.36
CA ASP A 257 -15.66 20.96 2.00
C ASP A 257 -15.19 19.93 0.98
N THR A 258 -13.88 19.67 0.94
CA THR A 258 -13.34 18.57 0.17
C THR A 258 -13.75 17.24 0.80
N ALA A 259 -14.24 16.32 -0.02
CA ALA A 259 -14.56 14.99 0.47
C ALA A 259 -13.93 13.95 -0.43
N ILE A 260 -13.43 12.90 0.19
CA ILE A 260 -12.78 11.78 -0.49
C ILE A 260 -13.65 10.56 -0.28
N LEU A 261 -13.79 9.73 -1.31
CA LEU A 261 -14.39 8.41 -1.15
C LEU A 261 -13.25 7.40 -1.23
N SER A 262 -12.94 6.79 -0.11
CA SER A 262 -11.76 5.93 0.04
C SER A 262 -12.20 4.48 0.11
N VAL A 263 -11.80 3.68 -0.87
CA VAL A 263 -12.18 2.27 -0.95
C VAL A 263 -10.91 1.41 -0.96
N VAL A 264 -9.95 1.77 -0.13
CA VAL A 264 -8.66 1.06 -0.06
C VAL A 264 -8.39 0.72 1.39
N PRO A 265 -7.78 -0.43 1.69
CA PRO A 265 -7.59 -0.83 3.10
C PRO A 265 -6.71 0.15 3.85
N PHE A 266 -7.13 0.45 5.09
CA PHE A 266 -6.35 1.34 5.95
C PHE A 266 -5.01 0.73 6.36
N HIS A 267 -4.87 -0.56 6.24
CA HIS A 267 -3.69 -1.23 6.72
C HIS A 267 -2.74 -1.64 5.64
N HIS A 268 -2.83 -0.94 4.53
N HIS A 268 -2.84 -0.89 4.55
CA HIS A 268 -1.73 -0.82 3.59
CA HIS A 268 -1.84 -0.79 3.49
C HIS A 268 -1.37 0.65 3.46
C HIS A 268 -1.41 0.67 3.40
N GLY A 269 -0.23 0.90 2.80
CA GLY A 269 0.31 2.24 2.75
C GLY A 269 -0.62 3.25 2.11
N PHE A 270 -1.27 2.85 1.01
CA PHE A 270 -2.16 3.75 0.27
C PHE A 270 -3.23 4.32 1.19
N GLY A 271 -4.00 3.45 1.83
CA GLY A 271 -5.07 3.91 2.73
C GLY A 271 -4.56 4.55 4.01
N MET A 272 -3.47 4.02 4.58
CA MET A 272 -2.97 4.58 5.83
C MET A 272 -2.53 6.03 5.66
N PHE A 273 -1.72 6.32 4.64
CA PHE A 273 -1.08 7.62 4.54
C PHE A 273 -1.86 8.64 3.68
N THR A 274 -2.79 8.24 2.80
CA THR A 274 -3.76 9.24 2.34
C THR A 274 -4.62 9.73 3.50
N THR A 275 -5.13 8.81 4.32
CA THR A 275 -6.03 9.19 5.40
C THR A 275 -5.36 10.15 6.40
N LEU A 276 -4.16 9.78 6.89
CA LEU A 276 -3.43 10.68 7.80
C LEU A 276 -3.25 12.05 7.19
N GLY A 277 -2.90 12.10 5.89
CA GLY A 277 -2.79 13.38 5.21
C GLY A 277 -4.11 14.11 5.07
N TYR A 278 -5.21 13.36 4.87
CA TYR A 278 -6.51 14.02 4.77
C TYR A 278 -6.89 14.67 6.09
N LEU A 279 -6.56 14.02 7.21
CA LEU A 279 -6.85 14.58 8.52
C LEU A 279 -6.05 15.86 8.73
N ILE A 280 -4.76 15.88 8.34
CA ILE A 280 -3.96 17.10 8.36
C ILE A 280 -4.68 18.22 7.61
N CYS A 281 -5.34 17.88 6.50
CA CYS A 281 -5.96 18.86 5.61
C CYS A 281 -7.40 19.21 5.97
N GLY A 282 -7.97 18.58 6.99
CA GLY A 282 -9.34 18.86 7.41
C GLY A 282 -10.43 18.30 6.51
N PHE A 283 -10.12 17.34 5.66
CA PHE A 283 -11.07 16.79 4.70
C PHE A 283 -12.06 15.84 5.37
N ARG A 284 -13.15 15.58 4.64
CA ARG A 284 -14.13 14.57 5.01
C ARG A 284 -13.78 13.26 4.33
N VAL A 285 -13.50 12.22 5.12
CA VAL A 285 -13.10 10.92 4.58
C VAL A 285 -14.31 9.99 4.62
N VAL A 286 -14.89 9.70 3.45
CA VAL A 286 -16.02 8.79 3.36
C VAL A 286 -15.46 7.40 3.10
N LEU A 287 -15.93 6.42 3.86
CA LEU A 287 -15.39 5.06 3.89
C LEU A 287 -16.37 4.07 3.31
N MET A 288 -15.85 3.14 2.52
CA MET A 288 -16.56 1.94 2.11
C MET A 288 -15.64 0.77 2.39
N TYR A 289 -16.09 -0.19 3.20
CA TYR A 289 -15.30 -1.39 3.42
C TYR A 289 -15.81 -2.62 2.68
N ARG A 290 -17.07 -2.63 2.26
CA ARG A 290 -17.54 -3.62 1.31
C ARG A 290 -17.87 -2.90 0.02
N PHE A 291 -17.19 -3.26 -1.06
CA PHE A 291 -17.47 -2.61 -2.34
C PHE A 291 -18.82 -3.04 -2.89
N GLU A 292 -19.65 -2.07 -3.26
CA GLU A 292 -20.86 -2.35 -4.02
C GLU A 292 -21.00 -1.27 -5.08
N GLU A 293 -21.38 -1.66 -6.32
CA GLU A 293 -21.36 -0.73 -7.45
C GLU A 293 -22.28 0.48 -7.19
N GLU A 294 -23.55 0.22 -6.90
CA GLU A 294 -24.51 1.31 -6.74
C GLU A 294 -24.16 2.20 -5.54
N LEU A 295 -23.87 1.58 -4.39
CA LEU A 295 -23.50 2.36 -3.21
C LEU A 295 -22.30 3.26 -3.51
N PHE A 296 -21.31 2.72 -4.22
CA PHE A 296 -20.13 3.51 -4.57
C PHE A 296 -20.52 4.72 -5.40
N LEU A 297 -21.27 4.50 -6.48
CA LEU A 297 -21.63 5.59 -7.38
C LEU A 297 -22.55 6.57 -6.69
N ARG A 298 -23.53 6.06 -5.93
CA ARG A 298 -24.45 6.95 -5.21
C ARG A 298 -23.73 7.77 -4.16
N SER A 299 -22.70 7.20 -3.52
CA SER A 299 -21.89 7.96 -2.57
C SER A 299 -21.06 9.04 -3.26
N LEU A 300 -20.48 8.73 -4.42
CA LEU A 300 -19.79 9.77 -5.21
C LEU A 300 -20.71 10.95 -5.46
N GLN A 301 -21.96 10.66 -5.82
CA GLN A 301 -22.90 11.70 -6.18
C GLN A 301 -23.39 12.44 -4.93
N ASP A 302 -23.92 11.71 -3.95
CA ASP A 302 -24.60 12.36 -2.82
C ASP A 302 -23.62 13.06 -1.89
N TYR A 303 -22.42 12.52 -1.74
CA TYR A 303 -21.41 13.14 -0.91
C TYR A 303 -20.55 14.12 -1.68
N LYS A 304 -20.85 14.37 -2.96
CA LYS A 304 -20.16 15.37 -3.77
C LYS A 304 -18.66 15.15 -3.71
N ILE A 305 -18.26 13.91 -3.93
CA ILE A 305 -16.88 13.50 -3.79
C ILE A 305 -16.03 14.17 -4.85
N GLN A 306 -14.88 14.67 -4.43
CA GLN A 306 -13.86 15.24 -5.29
C GLN A 306 -12.86 14.20 -5.78
N SER A 307 -12.48 13.26 -4.90
CA SER A 307 -11.45 12.28 -5.20
C SER A 307 -11.88 10.91 -4.70
N ALA A 308 -11.64 9.89 -5.52
CA ALA A 308 -11.91 8.50 -5.16
C ALA A 308 -10.62 7.71 -5.18
N LEU A 309 -10.45 6.83 -4.20
CA LEU A 309 -9.30 5.93 -4.15
C LEU A 309 -9.77 4.51 -4.38
N LEU A 310 -9.08 3.78 -5.29
CA LEU A 310 -9.43 2.41 -5.68
C LEU A 310 -8.22 1.49 -5.66
N VAL A 311 -8.44 0.24 -5.25
CA VAL A 311 -7.46 -0.81 -5.46
C VAL A 311 -7.41 -1.12 -6.96
N PRO A 312 -6.29 -1.64 -7.49
CA PRO A 312 -6.13 -1.70 -8.96
C PRO A 312 -7.19 -2.52 -9.67
N THR A 313 -7.64 -3.62 -9.10
CA THR A 313 -8.68 -4.40 -9.76
C THR A 313 -10.07 -3.79 -9.64
N LEU A 314 -10.24 -2.73 -8.84
CA LEU A 314 -11.48 -1.98 -8.97
C LEU A 314 -11.44 -1.05 -10.18
N PHE A 315 -10.25 -0.69 -10.67
CA PHE A 315 -10.17 0.02 -11.94
C PHE A 315 -10.69 -0.84 -13.09
N SER A 316 -10.33 -2.13 -13.12
CA SER A 316 -10.84 -2.99 -14.18
C SER A 316 -12.33 -3.16 -14.04
N PHE A 317 -12.81 -3.28 -12.80
CA PHE A 317 -14.25 -3.36 -12.61
C PHE A 317 -14.95 -2.18 -13.27
N PHE A 318 -14.45 -0.96 -13.03
CA PHE A 318 -15.18 0.20 -13.53
C PHE A 318 -15.00 0.42 -15.03
N ALA A 319 -13.97 -0.17 -15.65
CA ALA A 319 -13.94 -0.21 -17.11
C ALA A 319 -15.14 -0.94 -17.69
N LYS A 320 -15.76 -1.85 -16.93
CA LYS A 320 -16.93 -2.61 -17.38
C LYS A 320 -18.27 -2.01 -16.94
N SER A 321 -18.28 -1.06 -16.02
CA SER A 321 -19.53 -0.53 -15.51
C SER A 321 -20.26 0.31 -16.55
N THR A 322 -21.57 0.11 -16.66
CA THR A 322 -22.39 0.88 -17.58
C THR A 322 -23.34 1.83 -16.87
N LEU A 323 -23.24 1.95 -15.55
CA LEU A 323 -24.17 2.73 -14.73
C LEU A 323 -23.68 4.13 -14.43
N ILE A 324 -22.43 4.46 -14.78
CA ILE A 324 -21.81 5.69 -14.32
C ILE A 324 -22.57 6.91 -14.80
N ASP A 325 -23.10 6.87 -16.03
CA ASP A 325 -23.84 8.00 -16.59
C ASP A 325 -25.15 8.26 -15.89
N LYS A 326 -25.63 7.30 -15.09
CA LYS A 326 -26.84 7.52 -14.30
C LYS A 326 -26.66 8.59 -13.23
N TYR A 327 -25.43 8.88 -12.79
CA TYR A 327 -25.21 9.68 -11.58
C TYR A 327 -24.64 11.05 -11.90
N ASP A 328 -24.93 12.01 -11.04
CA ASP A 328 -24.35 13.35 -11.18
C ASP A 328 -23.01 13.32 -10.45
N LEU A 329 -21.93 13.23 -11.23
CA LEU A 329 -20.57 13.17 -10.71
C LEU A 329 -19.81 14.44 -11.02
N SER A 330 -20.53 15.55 -11.14
CA SER A 330 -19.92 16.80 -11.61
C SER A 330 -18.86 17.33 -10.65
N ASN A 331 -18.90 16.95 -9.39
CA ASN A 331 -17.84 17.34 -8.47
C ASN A 331 -16.62 16.45 -8.56
N LEU A 332 -16.72 15.30 -9.21
CA LEU A 332 -15.61 14.36 -9.22
C LEU A 332 -14.50 14.91 -10.11
N HIS A 333 -13.33 15.10 -9.50
CA HIS A 333 -12.17 15.64 -10.17
C HIS A 333 -11.05 14.61 -10.38
N GLU A 334 -11.02 13.54 -9.59
CA GLU A 334 -9.83 12.70 -9.53
C GLU A 334 -10.18 11.30 -9.06
N ILE A 335 -9.73 10.29 -9.80
CA ILE A 335 -9.69 8.90 -9.34
C ILE A 335 -8.23 8.48 -9.28
N ALA A 336 -7.80 7.92 -8.15
CA ALA A 336 -6.38 7.66 -7.95
C ALA A 336 -6.11 6.21 -7.55
N SER A 337 -4.93 5.73 -7.96
CA SER A 337 -4.49 4.40 -7.57
C SER A 337 -3.26 4.38 -6.66
N GLY A 338 -2.72 5.53 -6.28
CA GLY A 338 -1.67 5.55 -5.26
C GLY A 338 -0.31 5.02 -5.70
N GLY A 339 0.15 3.94 -5.08
CA GLY A 339 1.40 3.35 -5.48
C GLY A 339 1.31 2.26 -6.53
N ALA A 340 0.12 1.99 -7.06
CA ALA A 340 -0.07 0.88 -7.99
C ALA A 340 -0.10 1.39 -9.41
N PRO A 341 0.80 0.94 -10.28
CA PRO A 341 0.73 1.37 -11.68
C PRO A 341 -0.40 0.67 -12.41
N LEU A 342 -0.96 1.34 -13.41
CA LEU A 342 -2.06 0.82 -14.20
C LEU A 342 -1.69 0.78 -15.66
N SER A 343 -2.17 -0.24 -16.36
CA SER A 343 -1.97 -0.26 -17.81
C SER A 343 -2.59 0.98 -18.42
N LYS A 344 -2.03 1.38 -19.56
CA LYS A 344 -2.59 2.51 -20.30
C LYS A 344 -4.03 2.23 -20.69
N GLU A 345 -4.34 0.99 -21.05
CA GLU A 345 -5.68 0.64 -21.52
C GLU A 345 -6.73 0.85 -20.43
N VAL A 346 -6.47 0.29 -19.24
CA VAL A 346 -7.45 0.36 -18.16
C VAL A 346 -7.64 1.79 -17.70
N GLY A 347 -6.54 2.52 -17.54
CA GLY A 347 -6.63 3.90 -17.09
C GLY A 347 -7.46 4.77 -18.03
N GLU A 348 -7.13 4.73 -19.32
CA GLU A 348 -7.87 5.50 -20.32
C GLU A 348 -9.34 5.12 -20.33
N ALA A 349 -9.65 3.82 -20.25
CA ALA A 349 -11.04 3.37 -20.21
C ALA A 349 -11.78 3.93 -18.98
N VAL A 350 -11.12 3.93 -17.82
CA VAL A 350 -11.76 4.41 -16.61
C VAL A 350 -11.92 5.93 -16.66
N ALA A 351 -10.89 6.63 -17.14
CA ALA A 351 -11.04 8.07 -17.36
C ALA A 351 -12.19 8.37 -18.30
N LYS A 352 -12.33 7.60 -19.37
CA LYS A 352 -13.38 7.86 -20.33
C LYS A 352 -14.77 7.60 -19.75
N ARG A 353 -14.96 6.48 -19.04
CA ARG A 353 -16.24 6.21 -18.36
C ARG A 353 -16.62 7.34 -17.40
N PHE A 354 -15.64 7.92 -16.71
CA PHE A 354 -15.94 8.96 -15.72
C PHE A 354 -15.79 10.37 -16.28
N HIS A 355 -15.57 10.51 -17.59
CA HIS A 355 -15.38 11.81 -18.24
C HIS A 355 -14.30 12.64 -17.54
N LEU A 356 -13.19 11.97 -17.21
CA LEU A 356 -12.02 12.64 -16.65
C LEU A 356 -10.93 12.74 -17.70
N PRO A 357 -10.07 13.77 -17.66
CA PRO A 357 -8.92 13.82 -18.58
C PRO A 357 -7.94 12.69 -18.37
N GLY A 358 -7.95 12.06 -17.21
CA GLY A 358 -7.08 10.93 -16.94
C GLY A 358 -7.28 10.48 -15.51
N ILE A 359 -6.44 9.58 -15.06
CA ILE A 359 -6.50 9.16 -13.68
C ILE A 359 -5.15 9.46 -13.04
N ARG A 360 -5.14 9.54 -11.71
CA ARG A 360 -3.91 9.78 -10.99
C ARG A 360 -3.27 8.44 -10.65
N GLN A 361 -2.11 8.19 -11.23
CA GLN A 361 -1.32 6.98 -11.02
C GLN A 361 -0.10 7.31 -10.17
N GLY A 362 0.59 6.25 -9.76
CA GLY A 362 1.86 6.46 -9.09
C GLY A 362 2.59 5.14 -8.91
N TYR A 363 3.78 5.24 -8.32
CA TYR A 363 4.54 4.07 -7.96
C TYR A 363 5.13 4.27 -6.58
N GLY A 364 4.87 3.32 -5.69
CA GLY A 364 5.48 3.33 -4.38
C GLY A 364 5.54 1.90 -3.91
N LEU A 365 6.13 1.72 -2.73
CA LEU A 365 6.27 0.42 -2.08
C LEU A 365 5.92 0.59 -0.61
N THR A 366 5.59 -0.52 0.06
CA THR A 366 5.49 -0.47 1.51
C THR A 366 6.74 0.19 2.10
N GLU A 367 7.90 -0.18 1.57
CA GLU A 367 9.22 0.27 1.99
C GLU A 367 9.49 1.74 1.64
N THR A 368 8.66 2.36 0.83
CA THR A 368 8.73 3.80 0.64
C THR A 368 7.61 4.58 1.27
N THR A 369 6.88 3.96 2.17
CA THR A 369 5.74 4.59 2.81
C THR A 369 4.56 4.75 1.89
N SER A 370 4.68 5.60 0.90
CA SER A 370 3.66 5.74 -0.11
C SER A 370 4.27 6.03 -1.44
N ALA A 371 3.47 6.43 -2.41
CA ALA A 371 3.94 6.69 -3.76
C ALA A 371 5.09 7.69 -3.74
N ILE A 372 6.15 7.37 -4.47
CA ILE A 372 7.27 8.28 -4.64
C ILE A 372 7.39 8.77 -6.09
N LEU A 373 6.77 8.09 -7.04
CA LEU A 373 6.41 8.66 -8.32
C LEU A 373 4.91 8.82 -8.35
N ILE A 374 4.45 9.97 -8.85
CA ILE A 374 3.05 10.37 -8.77
C ILE A 374 2.73 11.17 -10.02
N THR A 375 1.56 10.94 -10.60
CA THR A 375 1.08 11.79 -11.69
C THR A 375 0.95 13.24 -11.21
N PRO A 376 1.69 14.17 -11.77
CA PRO A 376 1.51 15.58 -11.38
C PRO A 376 0.18 16.11 -11.91
N GLU A 377 -0.45 16.99 -11.13
CA GLU A 377 -1.74 17.52 -11.53
C GLU A 377 -1.63 18.22 -12.87
N GLY A 378 -2.45 17.80 -13.84
CA GLY A 378 -2.39 18.30 -15.20
C GLY A 378 -1.32 17.62 -16.03
N ASP A 379 -0.07 17.76 -15.60
CA ASP A 379 1.12 17.23 -16.27
C ASP A 379 1.10 15.71 -16.46
N ASP A 380 0.00 15.16 -16.96
CA ASP A 380 0.00 13.73 -17.24
C ASP A 380 0.32 13.47 -18.71
N LYS A 381 1.02 12.36 -18.96
CA LYS A 381 1.54 11.86 -20.21
C LYS A 381 1.10 10.41 -20.38
N PRO A 382 0.66 10.02 -21.58
CA PRO A 382 0.07 8.69 -21.74
C PRO A 382 1.06 7.59 -21.38
N GLY A 383 0.61 6.68 -20.52
CA GLY A 383 1.42 5.54 -20.12
C GLY A 383 2.46 5.82 -19.07
N ALA A 384 2.68 7.08 -18.71
CA ALA A 384 3.60 7.42 -17.63
C ALA A 384 2.98 7.10 -16.28
N VAL A 385 3.84 6.71 -15.34
CA VAL A 385 3.39 6.49 -13.96
C VAL A 385 3.45 7.77 -13.14
N GLY A 386 4.18 8.78 -13.59
CA GLY A 386 4.25 10.05 -12.89
C GLY A 386 5.69 10.57 -12.85
N LYS A 387 5.95 11.44 -11.86
CA LYS A 387 7.26 12.04 -11.69
C LYS A 387 7.69 11.92 -10.23
N VAL A 388 8.99 12.14 -10.01
CA VAL A 388 9.57 12.06 -8.68
C VAL A 388 8.94 13.11 -7.77
N VAL A 389 8.66 12.72 -6.53
CA VAL A 389 7.98 13.62 -5.60
C VAL A 389 8.99 14.53 -4.90
N PRO A 390 8.54 15.67 -4.38
CA PRO A 390 9.42 16.50 -3.55
C PRO A 390 10.09 15.68 -2.47
N PHE A 391 11.34 16.08 -2.14
CA PHE A 391 12.23 15.47 -1.16
C PHE A 391 12.90 14.22 -1.71
N PHE A 392 12.58 13.79 -2.92
CA PHE A 392 13.06 12.52 -3.44
C PHE A 392 13.89 12.71 -4.68
N GLU A 393 14.75 11.73 -4.90
CA GLU A 393 15.42 11.59 -6.18
C GLU A 393 15.31 10.13 -6.61
N ALA A 394 15.31 9.93 -7.91
CA ALA A 394 15.18 8.60 -8.48
C ALA A 394 16.16 8.46 -9.64
N LYS A 395 16.65 7.24 -9.85
CA LYS A 395 17.51 6.94 -10.98
C LYS A 395 17.19 5.56 -11.50
N VAL A 396 17.72 5.26 -12.69
CA VAL A 396 17.74 3.91 -13.25
C VAL A 396 19.19 3.47 -13.42
N VAL A 397 19.45 2.19 -13.18
CA VAL A 397 20.80 1.66 -13.17
C VAL A 397 20.89 0.42 -14.06
N ASP A 398 22.07 0.23 -14.65
CA ASP A 398 22.34 -0.97 -15.42
C ASP A 398 22.27 -2.20 -14.53
N LEU A 399 21.57 -3.23 -15.00
CA LEU A 399 21.35 -4.44 -14.23
C LEU A 399 22.62 -5.25 -13.99
N ASP A 400 23.75 -4.90 -14.61
CA ASP A 400 25.03 -5.59 -14.38
C ASP A 400 26.07 -4.72 -13.69
N THR A 401 26.22 -3.47 -14.10
CA THR A 401 27.21 -2.57 -13.52
C THR A 401 26.64 -1.73 -12.37
N GLY A 402 25.32 -1.68 -12.22
CA GLY A 402 24.75 -0.77 -11.24
C GLY A 402 25.07 0.68 -11.51
N LYS A 403 25.51 1.01 -12.72
CA LYS A 403 25.83 2.39 -13.04
C LYS A 403 24.59 3.11 -13.56
N THR A 404 24.55 4.41 -13.29
CA THR A 404 23.37 5.21 -13.61
C THR A 404 23.25 5.40 -15.11
N LEU A 405 22.09 5.01 -15.67
CA LEU A 405 21.76 5.14 -17.08
C LEU A 405 21.17 6.52 -17.39
N GLY A 406 20.97 6.78 -18.69
CA GLY A 406 20.50 8.06 -19.16
C GLY A 406 19.09 8.01 -19.71
N VAL A 407 18.71 9.07 -20.45
CA VAL A 407 17.33 9.24 -20.90
C VAL A 407 16.90 8.04 -21.72
N ASN A 408 15.65 7.63 -21.51
CA ASN A 408 14.95 6.60 -22.27
C ASN A 408 15.62 5.25 -22.22
N GLN A 409 16.64 5.07 -21.37
CA GLN A 409 17.28 3.78 -21.20
C GLN A 409 16.67 3.05 -20.00
N ARG A 410 16.49 1.76 -20.17
CA ARG A 410 15.76 0.95 -19.23
C ARG A 410 16.74 0.26 -18.29
N GLY A 411 16.46 0.35 -17.00
CA GLY A 411 17.25 -0.31 -15.98
C GLY A 411 16.42 -0.49 -14.73
N GLU A 412 17.09 -0.86 -13.64
CA GLU A 412 16.41 -0.99 -12.36
C GLU A 412 16.12 0.39 -11.78
N LEU A 413 14.89 0.58 -11.30
CA LEU A 413 14.52 1.83 -10.65
C LEU A 413 15.09 1.87 -9.24
N CYS A 414 15.73 2.98 -8.89
CA CYS A 414 16.23 3.18 -7.55
C CYS A 414 15.79 4.54 -7.06
N VAL A 415 15.48 4.65 -5.77
CA VAL A 415 14.93 5.88 -5.23
C VAL A 415 15.61 6.18 -3.89
N ARG A 416 15.69 7.46 -3.58
CA ARG A 416 16.34 7.90 -2.35
C ARG A 416 15.57 9.07 -1.77
N GLY A 417 15.17 8.95 -0.49
CA GLY A 417 14.47 10.03 0.16
C GLY A 417 14.01 9.75 1.57
N PRO A 418 13.52 10.79 2.24
CA PRO A 418 13.16 10.66 3.67
C PRO A 418 11.95 9.79 3.95
N MET A 419 11.33 9.20 2.93
CA MET A 419 10.22 8.29 3.15
C MET A 419 10.62 6.83 3.09
N ILE A 420 11.87 6.52 2.74
CA ILE A 420 12.32 5.14 2.80
C ILE A 420 12.25 4.67 4.23
N MET A 421 11.80 3.43 4.42
CA MET A 421 11.74 2.80 5.74
C MET A 421 13.09 2.87 6.45
N SER A 422 13.06 2.71 7.78
CA SER A 422 14.32 2.50 8.48
C SER A 422 14.83 1.07 8.30
N GLY A 423 13.95 0.12 8.06
CA GLY A 423 14.35 -1.23 7.74
C GLY A 423 13.26 -2.22 8.13
N TYR A 424 13.55 -3.49 7.86
CA TYR A 424 12.63 -4.55 8.25
C TYR A 424 12.85 -4.94 9.72
N VAL A 425 11.76 -5.16 10.45
CA VAL A 425 11.85 -5.42 11.88
C VAL A 425 12.60 -6.71 12.11
N ASN A 426 13.73 -6.61 12.82
CA ASN A 426 14.56 -7.77 13.16
C ASN A 426 14.97 -8.55 11.91
N ASN A 427 15.47 -7.84 10.91
CA ASN A 427 16.02 -8.48 9.71
C ASN A 427 16.91 -7.49 8.96
N PRO A 428 18.07 -7.14 9.50
CA PRO A 428 18.98 -6.21 8.78
C PRO A 428 19.55 -6.83 7.52
N GLU A 429 19.53 -8.15 7.42
CA GLU A 429 19.98 -8.82 6.20
C GLU A 429 19.10 -8.43 5.02
N ALA A 430 17.78 -8.60 5.17
CA ALA A 430 16.86 -8.17 4.12
C ALA A 430 16.94 -6.67 3.91
N THR A 431 17.22 -5.90 4.96
CA THR A 431 17.33 -4.46 4.80
C THR A 431 18.53 -4.11 3.94
N ASN A 432 19.74 -4.47 4.39
CA ASN A 432 20.97 -4.08 3.71
C ASN A 432 21.02 -4.60 2.28
N ALA A 433 20.35 -5.72 2.01
CA ALA A 433 20.26 -6.22 0.64
C ALA A 433 19.42 -5.34 -0.26
N LEU A 434 18.61 -4.45 0.32
CA LEU A 434 17.67 -3.65 -0.45
C LEU A 434 18.09 -2.21 -0.58
N ILE A 435 18.62 -1.64 0.50
CA ILE A 435 19.09 -0.26 0.55
C ILE A 435 20.61 -0.28 0.60
N ASP A 436 21.25 0.53 -0.23
CA ASP A 436 22.70 0.48 -0.32
C ASP A 436 23.31 1.45 0.69
N LYS A 437 24.65 1.50 0.68
CA LYS A 437 25.39 2.32 1.61
C LYS A 437 25.13 3.81 1.41
N ASP A 438 24.64 4.20 0.25
CA ASP A 438 24.33 5.60 -0.03
C ASP A 438 22.85 5.91 0.07
N GLY A 439 22.06 5.00 0.63
CA GLY A 439 20.65 5.26 0.85
C GLY A 439 19.73 5.04 -0.33
N TRP A 440 20.23 4.50 -1.45
CA TRP A 440 19.35 4.16 -2.55
C TRP A 440 18.65 2.84 -2.26
N LEU A 441 17.33 2.86 -2.29
CA LEU A 441 16.50 1.66 -2.29
C LEU A 441 16.46 1.10 -3.72
N HIS A 442 16.67 -0.21 -3.85
CA HIS A 442 16.72 -0.88 -5.16
C HIS A 442 15.44 -1.68 -5.34
N SER A 443 14.60 -1.23 -6.27
CA SER A 443 13.20 -1.65 -6.28
C SER A 443 13.02 -3.07 -6.81
N GLY A 444 13.94 -3.57 -7.63
CA GLY A 444 13.72 -4.80 -8.36
C GLY A 444 12.86 -4.64 -9.59
N ASP A 445 12.29 -3.46 -9.81
CA ASP A 445 11.43 -3.20 -10.97
C ASP A 445 12.20 -2.42 -12.02
N ILE A 446 11.75 -2.57 -13.27
CA ILE A 446 12.43 -1.98 -14.42
C ILE A 446 11.68 -0.74 -14.84
N ALA A 447 12.43 0.33 -15.09
CA ALA A 447 11.82 1.60 -15.45
C ALA A 447 12.75 2.37 -16.37
N TYR A 448 12.20 3.40 -17.00
CA TYR A 448 12.98 4.43 -17.67
C TYR A 448 12.26 5.75 -17.48
N TRP A 449 13.00 6.84 -17.71
CA TRP A 449 12.43 8.18 -17.73
C TRP A 449 12.68 8.81 -19.08
N ASP A 450 11.81 9.74 -19.48
CA ASP A 450 11.93 10.40 -20.78
C ASP A 450 12.41 11.84 -20.61
N GLU A 451 12.34 12.62 -21.70
CA GLU A 451 12.96 13.94 -21.72
C GLU A 451 12.26 14.94 -20.82
N ASP A 452 11.00 14.71 -20.48
CA ASP A 452 10.28 15.62 -19.60
C ASP A 452 10.33 15.18 -18.14
N GLU A 453 11.11 14.15 -17.84
CA GLU A 453 11.28 13.56 -16.52
C GLU A 453 10.07 12.74 -16.08
N HIS A 454 9.25 12.29 -17.04
CA HIS A 454 8.21 11.30 -16.76
C HIS A 454 8.84 9.91 -16.67
N PHE A 455 8.39 9.13 -15.69
CA PHE A 455 8.82 7.74 -15.53
C PHE A 455 7.79 6.79 -16.11
N PHE A 456 8.29 5.64 -16.56
CA PHE A 456 7.49 4.55 -17.08
C PHE A 456 7.94 3.27 -16.41
N ILE A 457 6.99 2.50 -15.87
CA ILE A 457 7.28 1.23 -15.23
C ILE A 457 7.06 0.12 -16.26
N VAL A 458 8.07 -0.71 -16.48
CA VAL A 458 7.94 -1.79 -17.45
C VAL A 458 7.09 -2.90 -16.84
N ASP A 459 5.93 -3.14 -17.44
CA ASP A 459 4.99 -4.15 -16.97
C ASP A 459 5.36 -5.50 -17.56
N ARG A 460 5.54 -6.49 -16.69
CA ARG A 460 5.93 -7.83 -17.13
C ARG A 460 4.93 -8.41 -18.12
N LEU A 461 3.64 -8.12 -17.93
CA LEU A 461 2.58 -8.72 -18.73
C LEU A 461 2.67 -8.36 -20.21
N LYS A 462 3.34 -7.26 -20.54
CA LYS A 462 3.44 -6.82 -21.92
C LYS A 462 4.80 -7.14 -22.54
N SER A 463 5.66 -7.86 -21.83
CA SER A 463 6.93 -8.34 -22.38
C SER A 463 6.65 -9.69 -23.04
N LEU A 464 6.54 -9.68 -24.36
CA LEU A 464 6.13 -10.88 -25.08
C LEU A 464 7.31 -11.78 -25.37
N ILE A 465 7.07 -13.09 -25.33
CA ILE A 465 8.07 -14.09 -25.69
C ILE A 465 7.94 -14.36 -27.19
N LYS A 466 9.07 -14.57 -27.85
CA LYS A 466 9.19 -14.34 -29.29
C LYS A 466 9.92 -15.55 -29.89
N TYR A 467 9.15 -16.43 -30.53
CA TYR A 467 9.65 -17.71 -31.06
C TYR A 467 9.56 -17.70 -32.58
N LYS A 468 10.71 -17.62 -33.25
CA LYS A 468 10.83 -17.62 -34.71
C LYS A 468 9.75 -16.76 -35.37
N GLY A 469 9.59 -15.50 -34.84
CA GLY A 469 8.68 -14.55 -35.40
C GLY A 469 7.44 -14.32 -34.55
N TYR A 470 7.00 -15.31 -33.79
CA TYR A 470 5.65 -15.35 -33.25
C TYR A 470 5.72 -15.06 -31.76
N GLN A 471 4.79 -14.25 -31.30
CA GLN A 471 4.85 -13.70 -29.95
C GLN A 471 3.68 -14.22 -29.12
N VAL A 472 3.99 -14.50 -27.85
CA VAL A 472 2.99 -14.99 -26.90
C VAL A 472 3.14 -14.21 -25.61
N ALA A 473 2.02 -13.81 -25.04
CA ALA A 473 2.01 -13.22 -23.72
C ALA A 473 2.32 -14.29 -22.69
N PRO A 474 3.28 -14.07 -21.79
CA PRO A 474 3.49 -15.02 -20.69
C PRO A 474 2.24 -15.32 -19.87
N ALA A 475 1.39 -14.32 -19.59
CA ALA A 475 0.22 -14.56 -18.76
C ALA A 475 -0.78 -15.50 -19.43
N GLU A 476 -0.78 -15.56 -20.76
CA GLU A 476 -1.63 -16.52 -21.47
C GLU A 476 -1.23 -17.95 -21.12
N LEU A 477 0.06 -18.27 -21.27
CA LEU A 477 0.56 -19.59 -20.91
C LEU A 477 0.41 -19.86 -19.42
N GLU A 478 0.75 -18.87 -18.58
CA GLU A 478 0.54 -19.01 -17.15
C GLU A 478 -0.89 -19.38 -16.82
N SER A 479 -1.84 -18.81 -17.55
CA SER A 479 -3.24 -19.14 -17.34
C SER A 479 -3.51 -20.59 -17.70
N ILE A 480 -2.99 -21.04 -18.84
CA ILE A 480 -3.08 -22.45 -19.25
C ILE A 480 -2.55 -23.35 -18.14
N LEU A 481 -1.41 -22.98 -17.54
CA LEU A 481 -0.78 -23.82 -16.54
C LEU A 481 -1.57 -23.83 -15.23
N LEU A 482 -2.02 -22.65 -14.79
CA LEU A 482 -2.79 -22.57 -13.55
C LEU A 482 -4.11 -23.33 -13.65
N GLN A 483 -4.52 -23.68 -14.86
CA GLN A 483 -5.73 -24.47 -15.06
C GLN A 483 -5.56 -25.91 -14.58
N HIS A 484 -4.32 -26.44 -14.58
CA HIS A 484 -4.16 -27.86 -14.34
C HIS A 484 -4.33 -28.21 -12.86
N PRO A 485 -5.05 -29.29 -12.56
CA PRO A 485 -5.34 -29.64 -11.15
C PRO A 485 -4.11 -29.86 -10.31
N ASN A 486 -2.98 -30.21 -10.90
CA ASN A 486 -1.78 -30.47 -10.13
C ASN A 486 -0.83 -29.29 -10.09
N ILE A 487 -1.06 -28.24 -10.88
CA ILE A 487 -0.20 -27.05 -10.89
C ILE A 487 -0.81 -26.00 -9.97
N PHE A 488 -0.08 -25.66 -8.92
CA PHE A 488 -0.51 -24.68 -7.93
C PHE A 488 -0.16 -23.25 -8.33
N ASP A 489 1.05 -23.03 -8.84
CA ASP A 489 1.46 -21.71 -9.31
C ASP A 489 2.47 -21.88 -10.43
N ALA A 490 2.59 -20.87 -11.28
CA ALA A 490 3.50 -20.94 -12.42
C ALA A 490 3.98 -19.56 -12.79
N GLY A 491 5.18 -19.51 -13.36
CA GLY A 491 5.72 -18.28 -13.91
C GLY A 491 6.34 -18.58 -15.26
N VAL A 492 5.97 -17.83 -16.28
CA VAL A 492 6.43 -18.09 -17.65
C VAL A 492 7.33 -16.95 -18.09
N ALA A 493 8.50 -17.30 -18.64
CA ALA A 493 9.36 -16.36 -19.31
C ALA A 493 10.03 -17.08 -20.48
N GLY A 494 10.76 -16.31 -21.29
CA GLY A 494 11.41 -16.85 -22.46
C GLY A 494 12.84 -17.29 -22.25
N LEU A 495 13.14 -18.55 -22.54
CA LEU A 495 14.51 -19.05 -22.45
C LEU A 495 15.29 -18.69 -23.71
N PRO A 496 16.37 -17.90 -23.62
CA PRO A 496 17.19 -17.63 -24.80
C PRO A 496 17.79 -18.92 -25.35
N ASP A 497 17.77 -19.04 -26.67
CA ASP A 497 18.10 -20.27 -27.36
C ASP A 497 19.28 -20.17 -28.34
N ASP A 498 19.25 -19.19 -29.24
CA ASP A 498 20.16 -19.04 -30.42
C ASP A 498 19.46 -19.49 -31.67
N ASP A 499 19.15 -20.77 -31.72
CA ASP A 499 18.58 -21.33 -32.92
C ASP A 499 17.35 -20.52 -33.27
N ALA A 500 16.79 -19.84 -32.29
CA ALA A 500 15.37 -19.90 -32.02
C ALA A 500 14.82 -18.54 -31.68
N GLY A 501 15.61 -17.78 -30.94
CA GLY A 501 15.13 -16.57 -30.33
C GLY A 501 14.85 -16.74 -28.85
N GLU A 502 13.59 -16.92 -28.53
CA GLU A 502 13.21 -17.43 -27.24
C GLU A 502 12.41 -18.72 -27.34
N LEU A 503 12.59 -19.62 -26.39
CA LEU A 503 11.67 -20.73 -26.20
C LEU A 503 10.83 -20.44 -24.96
N PRO A 504 9.50 -20.43 -25.06
CA PRO A 504 8.69 -20.24 -23.84
C PRO A 504 8.98 -21.35 -22.84
N ALA A 505 9.16 -20.96 -21.58
CA ALA A 505 9.52 -21.92 -20.54
C ALA A 505 8.91 -21.43 -19.22
N ALA A 506 8.74 -22.36 -18.28
CA ALA A 506 8.04 -21.99 -17.06
C ALA A 506 8.71 -22.59 -15.83
N VAL A 507 8.65 -21.84 -14.74
CA VAL A 507 8.82 -22.42 -13.42
C VAL A 507 7.44 -22.81 -12.92
N VAL A 508 7.32 -24.03 -12.39
CA VAL A 508 6.06 -24.61 -11.97
C VAL A 508 6.14 -24.98 -10.50
N VAL A 509 5.14 -24.54 -9.72
CA VAL A 509 4.95 -24.97 -8.33
C VAL A 509 3.87 -26.05 -8.31
N LEU A 510 4.24 -27.27 -7.97
CA LEU A 510 3.26 -28.35 -7.88
C LEU A 510 2.36 -28.20 -6.66
N GLU A 511 1.11 -28.65 -6.80
CA GLU A 511 0.19 -28.71 -5.68
C GLU A 511 0.68 -29.76 -4.69
N HIS A 512 0.56 -29.44 -3.40
CA HIS A 512 0.99 -30.36 -2.36
C HIS A 512 0.37 -31.74 -2.59
N GLY A 513 1.21 -32.77 -2.56
CA GLY A 513 0.82 -34.13 -2.77
C GLY A 513 1.00 -34.66 -4.18
N LYS A 514 0.89 -33.79 -5.19
CA LYS A 514 0.79 -34.23 -6.58
C LYS A 514 2.16 -34.42 -7.22
N THR A 515 2.22 -35.31 -8.21
CA THR A 515 3.47 -35.58 -8.93
C THR A 515 3.24 -35.41 -10.43
N MET A 516 4.09 -34.60 -11.05
CA MET A 516 4.06 -34.40 -12.49
C MET A 516 5.48 -34.34 -13.03
N THR A 517 5.61 -34.74 -14.29
CA THR A 517 6.87 -34.64 -15.02
C THR A 517 6.86 -33.45 -15.95
N GLU A 518 8.06 -32.99 -16.30
CA GLU A 518 8.19 -31.90 -17.27
C GLU A 518 7.47 -32.25 -18.57
N LYS A 519 7.70 -33.47 -19.09
CA LYS A 519 7.07 -33.84 -20.36
C LYS A 519 5.55 -33.84 -20.22
N GLU A 520 5.05 -34.24 -19.06
CA GLU A 520 3.60 -34.18 -18.84
C GLU A 520 3.09 -32.76 -19.03
N ILE A 521 3.74 -31.80 -18.36
CA ILE A 521 3.30 -30.40 -18.44
C ILE A 521 3.44 -29.87 -19.86
N VAL A 522 4.54 -30.20 -20.54
CA VAL A 522 4.72 -29.71 -21.91
C VAL A 522 3.65 -30.29 -22.84
N ASP A 523 3.38 -31.60 -22.72
CA ASP A 523 2.30 -32.20 -23.50
C ASP A 523 0.97 -31.55 -23.22
N TYR A 524 0.73 -31.15 -21.96
CA TYR A 524 -0.54 -30.51 -21.63
C TYR A 524 -0.68 -29.16 -22.32
N VAL A 525 0.38 -28.35 -22.30
CA VAL A 525 0.32 -27.04 -22.94
C VAL A 525 0.13 -27.19 -24.44
N ALA A 526 0.92 -28.06 -25.07
CA ALA A 526 0.84 -28.25 -26.52
C ALA A 526 -0.59 -28.57 -26.95
N SER A 527 -1.28 -29.41 -26.18
CA SER A 527 -2.69 -29.70 -26.39
C SER A 527 -3.62 -28.51 -26.10
N GLN A 528 -3.17 -27.28 -25.86
CA GLN A 528 -4.07 -26.16 -25.65
C GLN A 528 -3.71 -24.92 -26.45
N VAL A 529 -2.55 -24.89 -27.12
CA VAL A 529 -2.04 -23.70 -27.76
C VAL A 529 -1.64 -24.02 -29.20
N THR A 530 -1.60 -22.97 -30.03
CA THR A 530 -1.05 -23.12 -31.36
C THR A 530 0.43 -23.45 -31.27
N THR A 531 0.96 -24.06 -32.33
CA THR A 531 2.30 -24.63 -32.29
C THR A 531 3.38 -23.60 -31.96
N ALA A 532 3.13 -22.33 -32.29
CA ALA A 532 4.12 -21.30 -31.99
C ALA A 532 4.20 -21.04 -30.49
N LYS A 533 3.09 -21.19 -29.79
CA LYS A 533 3.01 -20.90 -28.37
C LYS A 533 3.38 -22.10 -27.51
N LYS A 534 4.05 -23.10 -28.08
CA LYS A 534 4.39 -24.30 -27.32
C LYS A 534 5.48 -24.01 -26.31
N LEU A 535 5.47 -24.77 -25.22
CA LEU A 535 6.41 -24.61 -24.12
C LEU A 535 7.68 -25.42 -24.38
N ARG A 536 8.33 -25.11 -25.51
CA ARG A 536 9.53 -25.85 -25.90
C ARG A 536 10.71 -25.62 -24.96
N GLY A 537 10.69 -24.55 -24.18
CA GLY A 537 11.76 -24.34 -23.23
C GLY A 537 11.74 -25.30 -22.07
N GLY A 538 10.62 -25.98 -21.85
CA GLY A 538 10.50 -26.93 -20.76
C GLY A 538 10.01 -26.30 -19.47
N VAL A 539 10.27 -27.03 -18.38
CA VAL A 539 9.71 -26.75 -17.07
C VAL A 539 10.80 -26.92 -16.02
N VAL A 540 10.83 -26.02 -15.05
CA VAL A 540 11.66 -26.16 -13.87
C VAL A 540 10.75 -26.09 -12.64
N PHE A 541 10.69 -27.19 -11.87
CA PHE A 541 9.90 -27.21 -10.65
C PHE A 541 10.59 -26.44 -9.53
N VAL A 542 9.87 -25.50 -8.94
CA VAL A 542 10.36 -24.64 -7.86
C VAL A 542 9.41 -24.77 -6.66
N ASP A 543 9.79 -24.15 -5.55
CA ASP A 543 8.85 -24.11 -4.43
C ASP A 543 8.00 -22.85 -4.44
N GLU A 544 8.46 -21.80 -5.12
CA GLU A 544 7.70 -20.57 -5.21
C GLU A 544 8.13 -19.82 -6.46
N VAL A 545 7.18 -19.18 -7.11
CA VAL A 545 7.47 -18.33 -8.28
C VAL A 545 8.03 -17.01 -7.77
N PRO A 546 9.25 -16.64 -8.17
CA PRO A 546 9.83 -15.39 -7.66
C PRO A 546 8.94 -14.20 -7.98
N LYS A 547 8.73 -13.39 -6.96
CA LYS A 547 7.96 -12.17 -7.08
C LYS A 547 8.81 -10.99 -6.68
N GLY A 548 8.45 -9.82 -7.20
CA GLY A 548 9.08 -8.57 -6.82
C GLY A 548 8.43 -7.98 -5.58
N LEU A 549 8.89 -6.78 -5.22
CA LEU A 549 8.37 -6.14 -4.02
C LEU A 549 6.92 -5.72 -4.18
N THR A 550 6.49 -5.46 -5.42
CA THR A 550 5.09 -5.17 -5.71
C THR A 550 4.20 -6.40 -5.58
N GLY A 551 4.76 -7.59 -5.76
CA GLY A 551 3.97 -8.81 -5.79
C GLY A 551 3.78 -9.40 -7.18
N LYS A 552 4.12 -8.64 -8.24
CA LYS A 552 4.09 -9.18 -9.59
C LYS A 552 5.28 -10.12 -9.79
N LEU A 553 5.15 -10.99 -10.78
CA LEU A 553 6.18 -11.98 -11.06
C LEU A 553 7.48 -11.32 -11.50
N ASP A 554 8.58 -11.98 -11.17
CA ASP A 554 9.93 -11.44 -11.33
C ASP A 554 10.57 -12.14 -12.52
N ALA A 555 10.31 -11.60 -13.72
CA ALA A 555 10.69 -12.28 -14.97
C ALA A 555 12.20 -12.52 -15.03
N ARG A 556 12.99 -11.53 -14.64
CA ARG A 556 14.44 -11.66 -14.69
C ARG A 556 14.92 -12.87 -13.89
N LYS A 557 14.37 -13.06 -12.69
CA LYS A 557 14.79 -14.19 -11.86
C LYS A 557 14.24 -15.51 -12.38
N ILE A 558 12.99 -15.51 -12.87
CA ILE A 558 12.47 -16.70 -13.52
C ILE A 558 13.43 -17.16 -14.61
N ARG A 559 13.84 -16.23 -15.47
CA ARG A 559 14.81 -16.53 -16.52
C ARG A 559 16.09 -17.09 -15.96
N GLU A 560 16.64 -16.45 -14.91
CA GLU A 560 17.86 -16.96 -14.32
C GLU A 560 17.71 -18.42 -13.90
N ILE A 561 16.59 -18.76 -13.26
CA ILE A 561 16.39 -20.11 -12.77
C ILE A 561 16.47 -21.12 -13.90
N LEU A 562 15.81 -20.85 -15.02
CA LEU A 562 15.80 -21.85 -16.09
C LEU A 562 17.12 -21.91 -16.86
N ILE A 563 17.83 -20.78 -16.96
CA ILE A 563 19.16 -20.82 -17.55
C ILE A 563 20.07 -21.72 -16.71
N LYS A 564 20.14 -21.44 -15.41
CA LYS A 564 20.95 -22.26 -14.51
C LYS A 564 20.57 -23.74 -14.59
N ALA A 565 19.31 -24.04 -14.90
CA ALA A 565 18.84 -25.42 -14.79
C ALA A 565 19.35 -26.28 -15.93
N LYS A 566 19.42 -25.73 -17.13
CA LYS A 566 19.75 -26.52 -18.32
C LYS A 566 20.77 -25.82 -19.21
#